data_2W6R
#
_entry.id   2W6R
#
_cell.length_a   58.000
_cell.length_b   58.000
_cell.length_c   131.000
_cell.angle_alpha   90.00
_cell.angle_beta   90.00
_cell.angle_gamma   120.00
#
_symmetry.space_group_name_H-M   'P 31 2 1'
#
loop_
_entity.id
_entity.type
_entity.pdbx_description
1 polymer 'IMIDAZOLE GLYCEROL PHOSPHATE SYNTHASE SUBUNIT HISF'
2 water water
#
_entity_poly.entity_id   1
_entity_poly.type   'polypeptide(L)'
_entity_poly.pdbx_seq_one_letter_code
;MQRVVVAIDAKRVDGEFMVFTHSGKKNTGILLRDWVVEVEKRGAGEILLTSIDRDGTKSGYDTEMIRFVRPLTTLPIIAS
GGAGKMEHFLEAFLAGADKALAASVFHFREIDMRELKEYLKKHGGSGQAVVVAIDAKRVDGEFMVFTHSGKKNTGILLRD
WVVEVEKRGAGEILLTSIDRDGTKSGYDTEMIRFVRPLTTLPIIASGGAGKMEHFLEAFLAGADAALAASVFHFREIDMR
ELKEYLKKHGVNVRLEGLLEHHHHHH
;
_entity_poly.pdbx_strand_id   A
#
# COMPACT_ATOMS: atom_id res chain seq x y z
N MET A 1 12.81 -6.86 0.93
CA MET A 1 14.16 -6.38 0.51
C MET A 1 14.16 -6.10 -0.99
N GLN A 2 14.41 -4.85 -1.37
CA GLN A 2 14.34 -4.43 -2.76
C GLN A 2 13.04 -4.85 -3.49
N ARG A 3 11.95 -5.03 -2.75
CA ARG A 3 10.68 -5.46 -3.36
C ARG A 3 10.06 -4.28 -4.13
N VAL A 4 9.67 -4.53 -5.38
CA VAL A 4 8.95 -3.52 -6.13
C VAL A 4 7.50 -3.93 -6.06
N VAL A 5 6.66 -3.00 -5.62
CA VAL A 5 5.26 -3.27 -5.40
C VAL A 5 4.46 -2.52 -6.45
N VAL A 6 3.50 -3.19 -7.06
CA VAL A 6 2.70 -2.50 -8.04
C VAL A 6 1.30 -2.39 -7.49
N ALA A 7 0.73 -1.20 -7.55
CA ALA A 7 -0.65 -0.94 -7.15
C ALA A 7 -1.59 -1.27 -8.29
N ILE A 8 -2.54 -2.14 -7.99
CA ILE A 8 -3.62 -2.46 -8.92
C ILE A 8 -4.95 -2.17 -8.26
N ASP A 9 -5.72 -1.23 -8.83
CA ASP A 9 -7.06 -0.98 -8.32
C ASP A 9 -8.08 -1.60 -9.28
N ALA A 10 -9.10 -2.21 -8.75
CA ALA A 10 -10.04 -2.90 -9.64
C ALA A 10 -11.43 -2.83 -9.09
N LYS A 11 -12.37 -3.15 -9.97
CA LYS A 11 -13.77 -2.99 -9.69
C LYS A 11 -14.59 -3.88 -10.63
N ARG A 12 -15.77 -4.29 -10.18
CA ARG A 12 -16.72 -5.01 -11.05
C ARG A 12 -17.40 -4.07 -12.04
N VAL A 13 -17.31 -4.44 -13.32
CA VAL A 13 -17.96 -3.74 -14.40
C VAL A 13 -18.60 -4.73 -15.37
N ASP A 14 -19.93 -4.83 -15.31
CA ASP A 14 -20.70 -5.77 -16.12
C ASP A 14 -20.25 -7.19 -15.81
N GLY A 15 -20.12 -7.48 -14.51
CA GLY A 15 -19.75 -8.79 -13.99
C GLY A 15 -18.31 -9.21 -14.23
N GLU A 16 -17.45 -8.26 -14.63
CA GLU A 16 -16.02 -8.51 -14.87
C GLU A 16 -15.17 -7.64 -13.94
N PHE A 17 -14.01 -8.14 -13.54
CA PHE A 17 -13.02 -7.37 -12.78
C PHE A 17 -12.14 -6.64 -13.76
N MET A 18 -12.32 -5.31 -13.77
CA MET A 18 -11.61 -4.37 -14.61
C MET A 18 -10.61 -3.54 -13.81
N VAL A 19 -9.45 -3.26 -14.41
CA VAL A 19 -8.42 -2.42 -13.80
C VAL A 19 -8.73 -0.96 -14.04
N PHE A 20 -8.75 -0.20 -12.95
CA PHE A 20 -8.95 1.26 -12.95
C PHE A 20 -7.67 2.04 -12.62
N THR A 21 -7.54 3.21 -13.24
CA THR A 21 -6.45 4.15 -12.94
C THR A 21 -7.04 5.43 -12.34
N HIS A 22 -6.20 6.45 -12.12
CA HIS A 22 -6.66 7.73 -11.54
C HIS A 22 -7.56 7.54 -10.35
N SER A 23 -7.01 6.98 -9.27
CA SER A 23 -7.73 6.82 -8.01
C SER A 23 -9.04 6.08 -8.23
N GLY A 24 -8.97 5.07 -9.10
CA GLY A 24 -10.10 4.19 -9.36
C GLY A 24 -11.24 4.84 -10.12
N LYS A 25 -10.91 5.85 -10.92
CA LYS A 25 -11.94 6.59 -11.67
CA LYS A 25 -11.91 6.63 -11.68
C LYS A 25 -11.97 6.26 -13.17
N LYS A 26 -10.84 5.87 -13.73
CA LYS A 26 -10.73 5.57 -15.15
C LYS A 26 -10.67 4.06 -15.45
N ASN A 27 -11.76 3.52 -16.03
CA ASN A 27 -11.77 2.17 -16.54
C ASN A 27 -10.82 1.99 -17.71
N THR A 28 -9.71 1.33 -17.44
CA THR A 28 -8.67 1.14 -18.43
C THR A 28 -9.12 0.19 -19.54
N GLY A 29 -10.21 -0.54 -19.33
CA GLY A 29 -10.61 -1.57 -20.28
C GLY A 29 -9.74 -2.83 -20.27
N ILE A 30 -8.76 -2.89 -19.37
CA ILE A 30 -7.94 -4.10 -19.20
C ILE A 30 -8.49 -4.96 -18.06
N LEU A 31 -8.55 -6.27 -18.31
CA LEU A 31 -9.10 -7.19 -17.33
C LEU A 31 -8.11 -7.39 -16.15
N LEU A 32 -8.64 -7.33 -14.93
CA LEU A 32 -7.82 -7.70 -13.78
C LEU A 32 -7.02 -8.98 -14.04
N ARG A 33 -7.70 -10.00 -14.58
CA ARG A 33 -7.05 -11.26 -14.88
C ARG A 33 -5.78 -11.06 -15.69
N ASP A 34 -5.86 -10.25 -16.75
CA ASP A 34 -4.77 -10.03 -17.68
C ASP A 34 -3.64 -9.17 -17.10
N TRP A 35 -4.03 -8.13 -16.38
CA TRP A 35 -3.07 -7.21 -15.80
C TRP A 35 -2.19 -7.87 -14.73
N VAL A 36 -2.82 -8.63 -13.84
CA VAL A 36 -2.13 -9.37 -12.76
C VAL A 36 -1.01 -10.27 -13.31
N VAL A 37 -1.31 -10.98 -14.41
CA VAL A 37 -0.29 -11.79 -15.05
C VAL A 37 0.75 -10.87 -15.65
N GLU A 38 0.32 -9.94 -16.49
CA GLU A 38 1.24 -9.06 -17.20
C GLU A 38 2.22 -8.36 -16.23
N VAL A 39 1.70 -7.99 -15.07
CA VAL A 39 2.47 -7.30 -14.03
C VAL A 39 3.55 -8.22 -13.47
N GLU A 40 3.17 -9.48 -13.20
CA GLU A 40 4.12 -10.47 -12.68
C GLU A 40 5.24 -10.72 -13.68
N LYS A 41 4.81 -10.92 -14.94
CA LYS A 41 5.72 -11.17 -16.06
C LYS A 41 6.59 -9.95 -16.28
N ARG A 42 5.99 -8.76 -16.16
CA ARG A 42 6.74 -7.51 -16.27
C ARG A 42 7.82 -7.40 -15.17
N GLY A 43 7.67 -8.11 -14.05
CA GLY A 43 8.71 -8.12 -13.00
C GLY A 43 8.35 -7.53 -11.64
N ALA A 44 7.05 -7.30 -11.39
CA ALA A 44 6.61 -6.84 -10.08
C ALA A 44 7.01 -7.91 -9.06
N GLY A 45 7.14 -7.50 -7.80
CA GLY A 45 7.53 -8.43 -6.74
C GLY A 45 6.45 -8.53 -5.69
N GLU A 46 5.43 -7.65 -5.81
CA GLU A 46 4.30 -7.67 -4.90
C GLU A 46 3.16 -6.91 -5.53
N ILE A 47 1.94 -7.26 -5.14
CA ILE A 47 0.76 -6.55 -5.67
C ILE A 47 -0.01 -5.95 -4.53
N LEU A 48 -0.23 -4.63 -4.60
CA LEU A 48 -1.20 -3.98 -3.72
C LEU A 48 -2.54 -3.95 -4.47
N LEU A 49 -3.45 -4.81 -4.05
CA LEU A 49 -4.63 -5.09 -4.82
C LEU A 49 -5.75 -4.37 -4.13
N THR A 50 -6.17 -3.23 -4.70
CA THR A 50 -7.23 -2.43 -4.08
C THR A 50 -8.60 -2.64 -4.68
N SER A 51 -9.55 -3.02 -3.85
CA SER A 51 -10.88 -3.15 -4.34
C SER A 51 -11.63 -1.84 -4.25
N ILE A 52 -11.86 -1.24 -5.42
CA ILE A 52 -12.57 0.03 -5.50
C ILE A 52 -14.02 -0.16 -5.04
N ASP A 53 -14.51 -1.40 -5.11
CA ASP A 53 -15.85 -1.72 -4.63
C ASP A 53 -15.91 -1.63 -3.10
N ARG A 54 -14.80 -1.95 -2.43
CA ARG A 54 -14.75 -1.97 -0.95
C ARG A 54 -14.10 -0.74 -0.33
N ASP A 55 -13.33 0.00 -1.12
CA ASP A 55 -12.42 1.01 -0.58
C ASP A 55 -13.14 2.08 0.24
N GLY A 56 -12.95 2.00 1.56
CA GLY A 56 -13.70 2.80 2.52
C GLY A 56 -15.15 2.33 2.55
N THR A 57 -15.41 1.27 3.30
CA THR A 57 -16.77 0.77 3.51
C THR A 57 -16.90 0.06 4.85
N LYS A 58 -15.79 -0.39 5.40
CA LYS A 58 -15.77 -1.13 6.68
C LYS A 58 -16.37 -2.53 6.56
N SER A 59 -17.00 -2.80 5.41
CA SER A 59 -17.75 -4.05 5.19
C SER A 59 -16.84 -5.27 5.09
N GLY A 60 -15.54 -5.03 5.11
CA GLY A 60 -14.57 -6.11 5.03
C GLY A 60 -13.89 -6.06 3.69
N TYR A 61 -12.83 -6.84 3.53
CA TYR A 61 -12.09 -6.86 2.29
C TYR A 61 -12.87 -7.59 1.21
N ASP A 62 -12.42 -7.39 -0.03
CA ASP A 62 -13.08 -7.95 -1.21
C ASP A 62 -12.48 -9.34 -1.42
N THR A 63 -12.91 -10.25 -0.56
CA THR A 63 -12.47 -11.63 -0.53
C THR A 63 -12.74 -12.32 -1.87
N GLU A 64 -13.85 -11.99 -2.50
CA GLU A 64 -14.12 -12.49 -3.86
C GLU A 64 -12.98 -12.10 -4.79
N MET A 65 -12.61 -10.81 -4.81
CA MET A 65 -11.51 -10.37 -5.66
C MET A 65 -10.20 -11.00 -5.28
N ILE A 66 -9.98 -11.16 -3.97
CA ILE A 66 -8.74 -11.75 -3.52
C ILE A 66 -8.65 -13.20 -4.05
N ARG A 67 -9.73 -13.96 -3.92
CA ARG A 67 -9.74 -15.36 -4.38
C ARG A 67 -9.61 -15.39 -5.87
N PHE A 68 -10.23 -14.43 -6.54
CA PHE A 68 -10.09 -14.36 -8.00
C PHE A 68 -8.63 -14.25 -8.41
N VAL A 69 -7.86 -13.44 -7.69
CA VAL A 69 -6.49 -13.12 -8.12
C VAL A 69 -5.46 -14.17 -7.69
N ARG A 70 -5.70 -14.76 -6.52
CA ARG A 70 -4.76 -15.73 -5.94
C ARG A 70 -4.25 -16.78 -6.94
N PRO A 71 -5.17 -17.45 -7.68
CA PRO A 71 -4.71 -18.46 -8.66
C PRO A 71 -3.86 -17.88 -9.77
N LEU A 72 -3.99 -16.58 -10.00
CA LEU A 72 -3.41 -15.98 -11.19
C LEU A 72 -1.95 -15.56 -10.96
N THR A 73 -1.49 -15.46 -9.72
CA THR A 73 -0.15 -14.93 -9.51
C THR A 73 0.58 -15.64 -8.41
N THR A 74 1.90 -15.70 -8.51
CA THR A 74 2.73 -16.15 -7.38
C THR A 74 3.10 -15.02 -6.40
N LEU A 75 2.81 -13.77 -6.77
CA LEU A 75 3.34 -12.67 -5.98
C LEU A 75 2.60 -12.55 -4.66
N PRO A 76 3.29 -12.02 -3.63
CA PRO A 76 2.59 -11.62 -2.42
C PRO A 76 1.52 -10.59 -2.80
N ILE A 77 0.32 -10.76 -2.28
CA ILE A 77 -0.78 -9.88 -2.56
C ILE A 77 -1.05 -9.14 -1.25
N ILE A 78 -1.08 -7.80 -1.31
CA ILE A 78 -1.54 -7.01 -0.17
C ILE A 78 -2.96 -6.58 -0.49
N ALA A 79 -3.89 -6.92 0.37
CA ALA A 79 -5.29 -6.59 0.15
C ALA A 79 -5.55 -5.23 0.70
N SER A 80 -6.48 -4.54 0.05
CA SER A 80 -6.69 -3.17 0.35
C SER A 80 -8.12 -2.77 0.04
N GLY A 81 -8.70 -2.07 0.99
CA GLY A 81 -10.04 -1.50 0.85
C GLY A 81 -11.04 -2.39 1.52
N GLY A 82 -11.83 -1.80 2.43
CA GLY A 82 -12.87 -2.55 3.13
C GLY A 82 -12.68 -2.89 4.60
N ALA A 83 -11.44 -2.91 5.11
CA ALA A 83 -11.19 -3.25 6.50
C ALA A 83 -11.94 -2.35 7.50
N GLY A 84 -12.48 -2.99 8.53
CA GLY A 84 -13.24 -2.29 9.57
C GLY A 84 -13.16 -2.99 10.91
N LYS A 85 -12.62 -4.20 10.91
CA LYS A 85 -12.59 -5.07 12.08
C LYS A 85 -11.35 -5.95 11.92
N MET A 86 -10.76 -6.39 13.02
CA MET A 86 -9.55 -7.21 13.03
C MET A 86 -9.71 -8.52 12.29
N GLU A 87 -10.91 -9.07 12.31
CA GLU A 87 -11.11 -10.39 11.74
C GLU A 87 -10.97 -10.33 10.22
N HIS A 88 -11.42 -9.20 9.66
CA HIS A 88 -11.24 -8.90 8.23
C HIS A 88 -9.85 -9.20 7.74
N PHE A 89 -8.83 -8.97 8.58
CA PHE A 89 -7.46 -9.33 8.23
C PHE A 89 -7.34 -10.83 8.13
N LEU A 90 -8.00 -11.55 9.06
CA LEU A 90 -8.06 -13.01 9.03
C LEU A 90 -8.84 -13.49 7.79
N GLU A 91 -10.04 -12.95 7.61
CA GLU A 91 -10.90 -13.09 6.41
C GLU A 91 -10.18 -12.90 5.08
N ALA A 92 -9.30 -11.87 5.00
CA ALA A 92 -8.50 -11.61 3.79
C ALA A 92 -7.36 -12.59 3.69
N PHE A 93 -6.74 -12.90 4.83
CA PHE A 93 -5.64 -13.85 4.83
C PHE A 93 -6.14 -15.24 4.40
N LEU A 94 -7.31 -15.64 4.90
CA LEU A 94 -7.95 -16.90 4.50
C LEU A 94 -8.19 -16.98 2.99
N ALA A 95 -8.60 -15.87 2.39
CA ALA A 95 -8.82 -15.79 0.95
C ALA A 95 -7.54 -15.85 0.09
N GLY A 96 -6.37 -15.74 0.71
CA GLY A 96 -5.10 -15.83 -0.03
C GLY A 96 -4.20 -14.61 -0.08
N ALA A 97 -4.61 -13.51 0.54
CA ALA A 97 -3.77 -12.30 0.61
C ALA A 97 -2.62 -12.53 1.56
N ASP A 98 -1.41 -12.15 1.16
CA ASP A 98 -0.24 -12.32 1.97
C ASP A 98 -0.10 -11.21 3.02
N LYS A 99 -0.78 -10.09 2.79
CA LYS A 99 -0.73 -8.92 3.68
C LYS A 99 -2.05 -8.19 3.53
N ALA A 100 -2.42 -7.42 4.54
CA ALA A 100 -3.56 -6.55 4.42
C ALA A 100 -3.21 -5.12 4.85
N LEU A 101 -3.74 -4.18 4.07
CA LEU A 101 -3.58 -2.74 4.29
C LEU A 101 -4.71 -2.23 5.16
N ALA A 102 -4.36 -1.71 6.33
CA ALA A 102 -5.33 -1.31 7.33
C ALA A 102 -6.07 -0.11 6.82
N ALA A 103 -7.31 0.05 7.25
CA ALA A 103 -8.12 1.19 6.84
C ALA A 103 -7.50 2.50 7.34
N SER A 104 -7.91 3.61 6.75
CA SER A 104 -7.44 4.88 7.21
C SER A 104 -7.69 4.96 8.72
N VAL A 105 -6.58 5.06 9.45
CA VAL A 105 -6.62 5.27 10.90
C VAL A 105 -6.22 6.74 11.08
N PHE A 106 -7.07 7.50 11.77
CA PHE A 106 -6.95 8.96 11.79
C PHE A 106 -6.12 9.47 12.97
N MET A 113 -3.97 -4.03 17.62
CA MET A 113 -3.19 -4.78 16.62
C MET A 113 -2.17 -5.75 17.24
N ARG A 114 -1.85 -5.53 18.52
CA ARG A 114 -0.81 -6.31 19.22
C ARG A 114 -1.12 -7.81 19.29
N GLU A 115 -2.40 -8.17 19.29
CA GLU A 115 -2.81 -9.59 19.41
C GLU A 115 -2.66 -10.34 18.11
N LEU A 116 -3.11 -9.70 17.02
CA LEU A 116 -2.96 -10.28 15.70
C LEU A 116 -1.48 -10.48 15.36
N LYS A 117 -0.64 -9.50 15.69
CA LYS A 117 0.80 -9.60 15.46
C LYS A 117 1.40 -10.83 16.13
N GLU A 118 1.04 -11.03 17.40
CA GLU A 118 1.49 -12.19 18.15
C GLU A 118 0.94 -13.47 17.54
N TYR A 119 -0.35 -13.48 17.21
CA TYR A 119 -0.96 -14.67 16.66
C TYR A 119 -0.27 -15.17 15.37
N LEU A 120 0.28 -14.26 14.57
CA LEU A 120 0.80 -14.65 13.24
C LEU A 120 2.07 -15.51 13.24
N LYS A 121 2.18 -16.44 14.21
CA LYS A 121 3.32 -17.34 14.33
C LYS A 121 2.90 -18.76 14.72
N SER A 126 4.39 -16.88 10.17
CA SER A 126 5.03 -15.62 9.80
C SER A 126 5.09 -15.43 8.27
N GLY A 127 5.35 -14.20 7.83
CA GLY A 127 5.25 -13.83 6.41
C GLY A 127 4.04 -12.96 6.14
N GLN A 128 3.01 -13.12 6.97
CA GLN A 128 1.79 -12.35 6.83
C GLN A 128 1.85 -11.15 7.75
N ALA A 129 1.41 -10.00 7.26
CA ALA A 129 1.49 -8.76 8.02
C ALA A 129 0.26 -7.88 7.79
N VAL A 130 0.07 -6.95 8.71
CA VAL A 130 -0.82 -5.84 8.55
C VAL A 130 0.05 -4.63 8.17
N VAL A 131 -0.29 -3.99 7.07
CA VAL A 131 0.39 -2.81 6.59
C VAL A 131 -0.40 -1.60 7.04
N VAL A 132 0.28 -0.59 7.57
CA VAL A 132 -0.39 0.65 7.88
C VAL A 132 0.12 1.77 6.98
N ALA A 133 -0.82 2.48 6.39
CA ALA A 133 -0.51 3.61 5.54
C ALA A 133 -0.25 4.84 6.40
N ILE A 134 0.88 5.47 6.17
CA ILE A 134 1.16 6.77 6.76
C ILE A 134 1.46 7.73 5.60
N ASP A 135 0.71 8.83 5.50
CA ASP A 135 1.01 9.88 4.51
C ASP A 135 1.62 11.09 5.22
N ALA A 136 2.76 11.56 4.73
CA ALA A 136 3.36 12.73 5.34
C ALA A 136 3.75 13.81 4.33
N LYS A 137 4.01 15.00 4.88
CA LYS A 137 4.21 16.21 4.11
C LYS A 137 5.07 17.18 4.95
N ARG A 138 5.86 17.99 4.28
CA ARG A 138 6.58 19.10 4.95
C ARG A 138 5.59 20.21 5.27
N VAL A 139 5.60 20.62 6.53
CA VAL A 139 4.81 21.73 7.06
C VAL A 139 5.74 22.52 7.94
N ASP A 140 6.17 23.69 7.46
CA ASP A 140 7.14 24.52 8.16
C ASP A 140 8.36 23.70 8.55
N GLY A 141 8.95 23.02 7.55
CA GLY A 141 10.14 22.19 7.74
C GLY A 141 9.97 21.06 8.75
N GLU A 142 8.71 20.75 9.07
CA GLU A 142 8.36 19.61 9.92
C GLU A 142 7.62 18.53 9.10
N PHE A 143 7.93 17.26 9.34
CA PHE A 143 7.18 16.16 8.73
C PHE A 143 5.90 15.90 9.52
N MET A 144 4.77 16.24 8.90
CA MET A 144 3.44 16.02 9.49
C MET A 144 2.68 14.89 8.81
N VAL A 145 1.91 14.14 9.58
CA VAL A 145 0.96 13.17 9.05
C VAL A 145 -0.28 13.91 8.56
N PHE A 146 -0.72 13.52 7.37
CA PHE A 146 -1.92 14.04 6.78
C PHE A 146 -2.84 12.90 6.50
N THR A 147 -4.14 13.16 6.61
CA THR A 147 -5.13 12.19 6.21
C THR A 147 -5.87 12.77 5.04
N HIS A 148 -6.90 12.08 4.56
CA HIS A 148 -7.74 12.62 3.51
C HIS A 148 -6.92 12.93 2.26
N SER A 149 -6.34 11.88 1.65
CA SER A 149 -5.53 12.02 0.45
C SER A 149 -4.56 13.21 0.52
N GLY A 150 -3.94 13.39 1.68
CA GLY A 150 -3.00 14.50 1.88
C GLY A 150 -3.59 15.89 2.01
N LYS A 151 -4.92 15.97 2.17
CA LYS A 151 -5.58 17.29 2.30
C LYS A 151 -5.72 17.82 3.74
N LYS A 152 -5.68 16.94 4.73
CA LYS A 152 -5.87 17.34 6.12
C LYS A 152 -4.67 17.04 7.01
N ASN A 153 -4.04 18.09 7.51
CA ASN A 153 -3.01 17.96 8.53
C ASN A 153 -3.65 17.40 9.81
N THR A 154 -2.99 16.47 10.47
CA THR A 154 -3.52 15.95 11.72
C THR A 154 -2.85 16.61 12.91
N GLY A 155 -1.78 17.36 12.65
CA GLY A 155 -1.09 18.09 13.70
C GLY A 155 -0.13 17.22 14.47
N ILE A 156 -0.12 15.93 14.12
CA ILE A 156 0.81 14.97 14.69
C ILE A 156 2.06 14.84 13.83
N LEU A 157 3.21 14.88 14.48
CA LEU A 157 4.48 14.74 13.81
C LEU A 157 4.64 13.32 13.25
N LEU A 158 5.29 13.21 12.09
CA LEU A 158 5.58 11.91 11.50
C LEU A 158 6.39 11.09 12.49
N ARG A 159 7.46 11.68 13.01
CA ARG A 159 8.28 11.13 14.09
C ARG A 159 7.44 10.41 15.16
N ASP A 160 6.47 11.11 15.73
CA ASP A 160 5.67 10.56 16.81
C ASP A 160 4.77 9.41 16.35
N TRP A 161 4.13 9.60 15.20
CA TRP A 161 3.15 8.64 14.67
C TRP A 161 3.77 7.32 14.22
N VAL A 162 4.95 7.39 13.60
CA VAL A 162 5.64 6.16 13.17
C VAL A 162 5.90 5.28 14.38
N VAL A 163 6.48 5.91 15.40
CA VAL A 163 6.70 5.30 16.71
C VAL A 163 5.41 4.71 17.29
N GLU A 164 4.32 5.47 17.24
CA GLU A 164 3.04 5.01 17.81
C GLU A 164 2.55 3.76 17.10
N VAL A 165 2.50 3.86 15.77
CA VAL A 165 2.09 2.78 14.85
C VAL A 165 2.84 1.48 15.13
N GLU A 166 4.16 1.56 15.26
CA GLU A 166 4.95 0.37 15.56
C GLU A 166 4.63 -0.17 16.94
N LYS A 167 4.49 0.74 17.91
CA LYS A 167 4.13 0.40 19.31
C LYS A 167 2.80 -0.36 19.34
N ARG A 168 1.88 0.09 18.49
CA ARG A 168 0.54 -0.48 18.42
C ARG A 168 0.48 -1.72 17.54
N GLY A 169 1.63 -2.25 17.11
CA GLY A 169 1.67 -3.60 16.50
C GLY A 169 1.48 -3.80 15.00
N ALA A 170 1.56 -2.72 14.22
CA ALA A 170 1.57 -2.79 12.77
C ALA A 170 2.77 -3.63 12.37
N GLY A 171 2.67 -4.34 11.26
CA GLY A 171 3.78 -5.17 10.79
C GLY A 171 4.62 -4.49 9.74
N GLU A 172 4.08 -3.46 9.13
CA GLU A 172 4.74 -2.80 8.02
C GLU A 172 4.11 -1.43 7.83
N ILE A 173 4.88 -0.48 7.29
CA ILE A 173 4.40 0.87 7.05
C ILE A 173 4.43 1.18 5.55
N LEU A 174 3.29 1.60 5.01
CA LEU A 174 3.24 2.11 3.65
C LEU A 174 3.43 3.63 3.80
N LEU A 175 4.64 4.12 3.52
CA LEU A 175 4.93 5.53 3.77
C LEU A 175 4.80 6.35 2.50
N THR A 176 3.70 7.10 2.36
CA THR A 176 3.48 7.94 1.16
C THR A 176 3.91 9.39 1.40
N SER A 177 4.73 9.93 0.48
CA SER A 177 5.13 11.31 0.59
C SER A 177 4.14 12.10 -0.22
N ILE A 178 3.33 12.89 0.45
CA ILE A 178 2.41 13.78 -0.27
C ILE A 178 3.21 14.75 -1.14
N ASP A 179 4.40 15.15 -0.64
CA ASP A 179 5.28 16.08 -1.36
C ASP A 179 5.76 15.52 -2.70
N ARG A 180 6.00 14.20 -2.78
CA ARG A 180 6.46 13.61 -4.03
C ARG A 180 5.37 12.90 -4.81
N ASP A 181 4.29 12.54 -4.14
CA ASP A 181 3.23 11.79 -4.81
C ASP A 181 2.68 12.55 -6.00
N GLY A 182 2.66 11.88 -7.15
CA GLY A 182 2.15 12.51 -8.36
C GLY A 182 3.17 13.28 -9.18
N THR A 183 4.41 13.39 -8.71
CA THR A 183 5.39 14.22 -9.41
C THR A 183 6.21 13.51 -10.47
N LYS A 184 6.41 12.21 -10.32
CA LYS A 184 7.37 11.48 -11.17
C LYS A 184 8.79 12.01 -11.00
N SER A 185 9.09 12.68 -9.89
CA SER A 185 10.43 13.25 -9.69
C SER A 185 11.33 12.44 -8.76
N GLY A 186 10.86 11.26 -8.36
CA GLY A 186 11.59 10.42 -7.44
C GLY A 186 10.95 10.30 -6.07
N TYR A 187 11.30 9.24 -5.37
CA TYR A 187 10.82 9.03 -4.00
C TYR A 187 11.35 10.11 -3.07
N ASP A 188 10.62 10.37 -1.99
CA ASP A 188 11.05 11.31 -0.97
C ASP A 188 12.10 10.63 -0.12
N THR A 189 13.33 10.57 -0.64
CA THR A 189 14.43 9.90 0.05
C THR A 189 14.73 10.56 1.38
N GLU A 190 14.53 11.87 1.45
CA GLU A 190 14.70 12.62 2.68
C GLU A 190 13.75 12.10 3.75
N MET A 191 12.46 11.98 3.41
CA MET A 191 11.49 11.43 4.33
C MET A 191 11.76 9.97 4.69
N ILE A 192 12.04 9.14 3.69
CA ILE A 192 12.47 7.76 3.93
C ILE A 192 13.62 7.74 4.95
N ARG A 193 14.68 8.50 4.70
CA ARG A 193 15.79 8.57 5.64
C ARG A 193 15.41 9.10 7.01
N PHE A 194 14.54 10.10 7.08
CA PHE A 194 14.05 10.56 8.36
C PHE A 194 13.40 9.41 9.14
N VAL A 195 12.56 8.64 8.45
CA VAL A 195 11.73 7.61 9.10
C VAL A 195 12.51 6.34 9.48
N ARG A 196 13.51 6.01 8.68
CA ARG A 196 14.16 4.68 8.77
C ARG A 196 14.67 4.30 10.17
N PRO A 197 15.34 5.25 10.88
CA PRO A 197 15.88 4.90 12.22
C PRO A 197 14.82 4.89 13.29
N LEU A 198 13.64 5.36 12.94
CA LEU A 198 12.54 5.52 13.90
C LEU A 198 11.71 4.24 14.05
N THR A 199 11.85 3.33 13.10
CA THR A 199 10.98 2.18 13.10
C THR A 199 11.71 0.94 12.67
N THR A 200 11.39 -0.19 13.30
CA THR A 200 11.99 -1.48 12.94
C THR A 200 11.19 -2.21 11.84
N LEU A 201 10.04 -1.64 11.47
CA LEU A 201 9.10 -2.23 10.48
C LEU A 201 9.56 -2.11 9.05
N PRO A 202 9.23 -3.12 8.18
CA PRO A 202 9.52 -2.84 6.77
C PRO A 202 8.78 -1.57 6.35
N ILE A 203 9.41 -0.79 5.48
CA ILE A 203 8.82 0.42 4.98
C ILE A 203 8.68 0.25 3.48
N ILE A 204 7.44 0.37 3.03
CA ILE A 204 7.14 0.51 1.61
C ILE A 204 7.06 2.01 1.28
N ALA A 205 8.01 2.48 0.50
CA ALA A 205 7.97 3.85 0.04
C ALA A 205 7.01 4.05 -1.12
N SER A 206 6.39 5.22 -1.10
CA SER A 206 5.37 5.48 -2.06
C SER A 206 5.28 6.96 -2.34
N GLY A 207 5.02 7.25 -3.62
CA GLY A 207 4.87 8.61 -4.09
C GLY A 207 6.16 9.10 -4.70
N GLY A 208 6.15 9.26 -6.02
CA GLY A 208 7.23 9.94 -6.72
C GLY A 208 7.90 9.21 -7.87
N ALA A 209 7.67 7.90 -8.00
CA ALA A 209 8.40 7.11 -9.00
C ALA A 209 8.17 7.65 -10.39
N GLY A 210 9.23 7.64 -11.20
CA GLY A 210 9.20 8.18 -12.57
C GLY A 210 10.22 7.55 -13.48
N LYS A 211 11.23 6.89 -12.89
CA LYS A 211 12.22 6.10 -13.64
C LYS A 211 12.68 4.91 -12.79
N MET A 212 13.13 3.84 -13.44
CA MET A 212 13.66 2.64 -12.77
C MET A 212 14.77 2.98 -11.76
N GLU A 213 15.47 4.08 -12.02
CA GLU A 213 16.55 4.57 -11.16
C GLU A 213 16.02 5.08 -9.83
N HIS A 214 14.75 5.47 -9.81
CA HIS A 214 14.12 6.02 -8.61
C HIS A 214 13.93 4.98 -7.52
N PHE A 215 13.69 3.74 -7.93
CA PHE A 215 13.55 2.62 -7.02
C PHE A 215 14.85 2.37 -6.26
N LEU A 216 15.95 2.39 -7.00
CA LEU A 216 17.26 2.21 -6.43
C LEU A 216 17.52 3.20 -5.30
N GLU A 217 17.16 4.46 -5.56
CA GLU A 217 17.33 5.54 -4.60
C GLU A 217 16.54 5.31 -3.31
N ALA A 218 15.30 4.85 -3.47
CA ALA A 218 14.45 4.55 -2.32
C ALA A 218 15.06 3.44 -1.47
N PHE A 219 15.45 2.33 -2.09
CA PHE A 219 16.07 1.24 -1.29
C PHE A 219 17.28 1.76 -0.55
N LEU A 220 18.14 2.49 -1.27
CA LEU A 220 19.35 3.09 -0.68
C LEU A 220 18.97 3.97 0.51
N ALA A 221 17.88 4.74 0.38
CA ALA A 221 17.43 5.63 1.46
C ALA A 221 16.91 4.88 2.69
N GLY A 222 16.73 3.56 2.54
CA GLY A 222 16.27 2.71 3.64
C GLY A 222 14.92 2.04 3.41
N ALA A 223 14.39 2.11 2.19
CA ALA A 223 13.08 1.46 1.95
C ALA A 223 13.26 -0.03 1.69
N ASP A 224 12.38 -0.85 2.25
CA ASP A 224 12.38 -2.29 2.01
C ASP A 224 11.67 -2.67 0.72
N ALA A 225 10.72 -1.82 0.33
CA ALA A 225 9.91 -2.02 -0.86
C ALA A 225 9.53 -0.64 -1.38
N ALA A 226 9.25 -0.55 -2.67
CA ALA A 226 8.91 0.71 -3.29
C ALA A 226 7.63 0.52 -4.11
N LEU A 227 6.60 1.31 -3.81
CA LEU A 227 5.35 1.26 -4.54
C LEU A 227 5.33 2.17 -5.78
N ALA A 228 4.75 1.66 -6.86
CA ALA A 228 4.41 2.45 -8.03
C ALA A 228 3.03 2.06 -8.56
N ALA A 229 2.21 3.09 -8.73
CA ALA A 229 0.88 2.99 -9.34
C ALA A 229 0.94 3.63 -10.72
N SER A 230 2.01 4.40 -10.93
CA SER A 230 2.22 5.27 -12.09
C SER A 230 2.95 4.57 -13.26
N VAL A 231 4.20 4.20 -13.01
CA VAL A 231 5.09 3.70 -14.08
C VAL A 231 4.69 2.32 -14.63
N PHE A 232 3.44 1.93 -14.38
CA PHE A 232 2.85 0.70 -14.94
C PHE A 232 1.48 1.03 -15.57
N HIS A 233 0.57 1.55 -14.76
CA HIS A 233 -0.79 1.85 -15.16
C HIS A 233 -0.92 3.27 -15.68
#